data_2KUW
#
_entry.id   2KUW
#
_entity_poly.entity_id   1
_entity_poly.type   'polyribonucleotide'
_entity_poly.pdbx_seq_one_letter_code
;GGGGUUGGUGUAUUUUUAAAUUAAUUCUUAAAAACUACAAUCAGCUCC
;
_entity_poly.pdbx_strand_id   A
#
loop_
_chem_comp.id
_chem_comp.type
_chem_comp.name
_chem_comp.formula
A RNA linking ADENOSINE-5'-MONOPHOSPHATE 'C10 H14 N5 O7 P'
C RNA linking CYTIDINE-5'-MONOPHOSPHATE 'C9 H14 N3 O8 P'
G RNA linking GUANOSINE-5'-MONOPHOSPHATE 'C10 H14 N5 O8 P'
U RNA linking URIDINE-5'-MONOPHOSPHATE 'C9 H13 N2 O9 P'
#